data_5TM4
#
_entry.id   5TM4
#
_cell.length_a   58.675
_cell.length_b   81.668
_cell.length_c   61.817
_cell.angle_alpha   90.000
_cell.angle_beta   116.050
_cell.angle_gamma   90.000
#
_symmetry.space_group_name_H-M   'P 1 21 1'
#
loop_
_entity.id
_entity.type
_entity.pdbx_description
1 polymer 'Estrogen receptor'
2 polymer 'Nuclear receptor coactivator 2'
3 non-polymer '5-{4-[(1S,4S,6R)-6-[(3-chlorophenoxy)sulfonyl]-3-(4-hydroxyphenyl)-7-oxabicyclo[2.2.1]hept-2-en-2-yl]phenoxy}pentanoic acid'
4 water water
#
loop_
_entity_poly.entity_id
_entity_poly.type
_entity_poly.pdbx_seq_one_letter_code
_entity_poly.pdbx_strand_id
1 'polypeptide(L)'
;IKRSKKNSLALSLTADQMVSALLDAEPPILYSEYDPTRPFSEASMMGLLTNLADRELVHMINWAKRVPGFVDLTLHDQVH
LLECAWLEILMIGLVWRSMEHPGKLLFAPNLLLDRNQGKCVEGMVEIFDMLLATSSRFRMMNLQGEEFVCLKSIILLNSG
VYTFLSSTLKSLEEKDHIHRVLDKITDTLIHLMAKAGLTLQQQHQRLAQLLLILSHIRHMSNKGMEHLYSMKCKNVVPLS
DLLLEMLDAHRLHAPTS
;
A,B
2 'polypeptide(L)' KHKILHRLLQDSS C,D
#
loop_
_chem_comp.id
_chem_comp.type
_chem_comp.name
_chem_comp.formula
7E3 non-polymer '5-{4-[(1S,4S,6R)-6-[(3-chlorophenoxy)sulfonyl]-3-(4-hydroxyphenyl)-7-oxabicyclo[2.2.1]hept-2-en-2-yl]phenoxy}pentanoic acid' 'C29 H27 Cl O8 S'
#
# COMPACT_ATOMS: atom_id res chain seq x y z
N SER A 8 16.99 -20.55 -11.69
CA SER A 8 16.07 -19.44 -11.86
C SER A 8 16.49 -18.54 -13.01
N LEU A 9 15.80 -18.67 -14.15
CA LEU A 9 16.07 -17.85 -15.31
C LEU A 9 15.50 -16.45 -15.21
N ALA A 10 14.82 -16.11 -14.11
CA ALA A 10 14.24 -14.78 -13.96
C ALA A 10 15.33 -13.73 -13.81
N LEU A 11 16.39 -14.05 -13.06
CA LEU A 11 17.46 -13.08 -12.84
C LEU A 11 18.36 -12.92 -14.06
N SER A 12 18.38 -13.90 -14.96
CA SER A 12 19.17 -13.82 -16.17
C SER A 12 18.49 -13.02 -17.28
N LEU A 13 17.20 -12.75 -17.15
CA LEU A 13 16.47 -12.01 -18.17
C LEU A 13 16.93 -10.56 -18.23
N THR A 14 17.04 -10.03 -19.43
CA THR A 14 17.30 -8.61 -19.61
C THR A 14 15.99 -7.83 -19.41
N ALA A 15 16.08 -6.50 -19.49
CA ALA A 15 14.90 -5.67 -19.30
C ALA A 15 13.88 -5.91 -20.40
N ASP A 16 14.34 -5.94 -21.66
CA ASP A 16 13.44 -6.19 -22.78
C ASP A 16 12.84 -7.59 -22.70
N GLN A 17 13.65 -8.58 -22.33
CA GLN A 17 13.14 -9.93 -22.18
C GLN A 17 12.10 -10.02 -21.07
N MET A 18 12.30 -9.25 -19.99
CA MET A 18 11.32 -9.22 -18.90
C MET A 18 10.01 -8.61 -19.37
N VAL A 19 10.07 -7.55 -20.18
CA VAL A 19 8.86 -6.88 -20.64
C VAL A 19 8.07 -7.78 -21.58
N SER A 20 8.75 -8.34 -22.60
CA SER A 20 8.06 -9.20 -23.56
C SER A 20 7.48 -10.44 -22.88
N ALA A 21 8.15 -10.96 -21.86
CA ALA A 21 7.61 -12.10 -21.13
C ALA A 21 6.33 -11.72 -20.40
N LEU A 22 6.31 -10.53 -19.78
CA LEU A 22 5.12 -10.10 -19.04
C LEU A 22 3.97 -9.77 -19.98
N LEU A 23 4.27 -9.19 -21.14
CA LEU A 23 3.21 -8.86 -22.09
C LEU A 23 2.55 -10.12 -22.63
N ASP A 24 3.33 -11.14 -22.94
CA ASP A 24 2.78 -12.38 -23.47
C ASP A 24 1.99 -13.17 -22.43
N ALA A 25 2.26 -12.96 -21.15
CA ALA A 25 1.52 -13.65 -20.10
C ALA A 25 0.18 -13.01 -19.79
N GLU A 26 -0.14 -11.88 -20.43
CA GLU A 26 -1.33 -11.11 -20.05
C GLU A 26 -2.60 -11.94 -20.26
N PRO A 27 -3.50 -11.97 -19.28
CA PRO A 27 -4.77 -12.67 -19.46
C PRO A 27 -5.69 -11.89 -20.38
N PRO A 28 -6.72 -12.52 -20.92
CA PRO A 28 -7.65 -11.82 -21.80
C PRO A 28 -8.64 -10.97 -21.00
N ILE A 29 -9.33 -10.09 -21.73
CA ILE A 29 -10.39 -9.29 -21.16
C ILE A 29 -11.70 -10.08 -21.30
N LEU A 30 -12.29 -10.44 -20.17
CA LEU A 30 -13.48 -11.26 -20.15
C LEU A 30 -14.75 -10.41 -20.25
N TYR A 31 -15.82 -11.04 -20.71
CA TYR A 31 -17.13 -10.42 -20.77
C TYR A 31 -17.98 -10.87 -19.60
N SER A 32 -18.91 -10.01 -19.20
CA SER A 32 -19.85 -10.35 -18.14
C SER A 32 -21.10 -10.99 -18.74
N GLU A 33 -21.89 -11.61 -17.87
CA GLU A 33 -23.16 -12.16 -18.31
C GLU A 33 -24.11 -11.03 -18.69
N TYR A 34 -24.91 -11.27 -19.72
CA TYR A 34 -25.90 -10.31 -20.21
C TYR A 34 -27.25 -11.00 -20.17
N ASP A 35 -27.91 -10.96 -19.02
CA ASP A 35 -29.18 -11.64 -18.81
C ASP A 35 -30.31 -10.62 -18.71
N PRO A 36 -31.05 -10.37 -19.79
CA PRO A 36 -32.19 -9.43 -19.71
C PRO A 36 -33.31 -9.90 -18.80
N THR A 37 -33.30 -11.17 -18.39
CA THR A 37 -34.30 -11.66 -17.45
C THR A 37 -34.01 -11.21 -16.02
N ARG A 38 -32.74 -11.07 -15.67
CA ARG A 38 -32.39 -10.65 -14.33
C ARG A 38 -32.80 -9.19 -14.11
N PRO A 39 -33.36 -8.87 -12.94
CA PRO A 39 -33.73 -7.48 -12.66
C PRO A 39 -32.54 -6.68 -12.17
N PHE A 40 -32.67 -5.36 -12.27
CA PHE A 40 -31.65 -4.45 -11.74
C PHE A 40 -31.80 -4.40 -10.22
N SER A 41 -30.85 -5.02 -9.52
CA SER A 41 -30.94 -5.13 -8.07
C SER A 41 -29.54 -5.37 -7.51
N GLU A 42 -29.46 -5.36 -6.18
CA GLU A 42 -28.19 -5.59 -5.50
C GLU A 42 -27.71 -7.02 -5.72
N ALA A 43 -28.63 -7.99 -5.66
CA ALA A 43 -28.25 -9.39 -5.80
C ALA A 43 -27.75 -9.70 -7.20
N SER A 44 -28.41 -9.16 -8.22
CA SER A 44 -28.00 -9.44 -9.60
C SER A 44 -26.70 -8.73 -9.94
N MET A 45 -26.53 -7.49 -9.45
CA MET A 45 -25.27 -6.78 -9.66
C MET A 45 -24.11 -7.53 -9.00
N MET A 46 -24.30 -7.94 -7.75
CA MET A 46 -23.26 -8.70 -7.06
C MET A 46 -23.03 -10.05 -7.73
N GLY A 47 -24.10 -10.71 -8.16
CA GLY A 47 -23.95 -11.95 -8.90
C GLY A 47 -23.18 -11.75 -10.20
N LEU A 48 -23.42 -10.62 -10.87
CA LEU A 48 -22.69 -10.33 -12.10
C LEU A 48 -21.21 -10.11 -11.83
N LEU A 49 -20.89 -9.34 -10.78
CA LEU A 49 -19.49 -9.09 -10.46
C LEU A 49 -18.80 -10.34 -9.92
N THR A 50 -19.52 -11.12 -9.09
CA THR A 50 -18.94 -12.34 -8.55
C THR A 50 -18.61 -13.33 -9.66
N ASN A 51 -19.56 -13.53 -10.58
CA ASN A 51 -19.34 -14.45 -11.70
C ASN A 51 -18.18 -13.98 -12.57
N LEU A 52 -18.04 -12.67 -12.75
CA LEU A 52 -16.96 -12.13 -13.57
C LEU A 52 -15.60 -12.38 -12.92
N ALA A 53 -15.45 -11.94 -11.66
CA ALA A 53 -14.18 -12.13 -10.96
C ALA A 53 -13.84 -13.60 -10.80
N ASP A 54 -14.86 -14.46 -10.70
CA ASP A 54 -14.61 -15.89 -10.55
C ASP A 54 -13.91 -16.47 -11.78
N ARG A 55 -14.33 -16.06 -12.98
CA ARG A 55 -13.66 -16.52 -14.19
C ARG A 55 -12.32 -15.84 -14.39
N GLU A 56 -12.18 -14.59 -13.92
CA GLU A 56 -10.89 -13.91 -14.00
C GLU A 56 -9.83 -14.58 -13.14
N LEU A 57 -10.23 -15.16 -12.00
CA LEU A 57 -9.27 -15.78 -11.10
C LEU A 57 -8.59 -16.98 -11.75
N VAL A 58 -9.32 -17.74 -12.57
CA VAL A 58 -8.71 -18.88 -13.25
C VAL A 58 -7.61 -18.39 -14.18
N HIS A 59 -7.85 -17.29 -14.90
CA HIS A 59 -6.84 -16.73 -15.77
C HIS A 59 -5.69 -16.13 -14.97
N MET A 60 -6.00 -15.54 -13.81
CA MET A 60 -4.95 -14.94 -12.99
C MET A 60 -3.98 -15.99 -12.48
N ILE A 61 -4.51 -17.14 -12.04
CA ILE A 61 -3.65 -18.22 -11.55
C ILE A 61 -2.71 -18.69 -12.66
N ASN A 62 -3.22 -18.77 -13.89
CA ASN A 62 -2.38 -19.17 -15.01
C ASN A 62 -1.38 -18.07 -15.36
N TRP A 63 -1.79 -16.80 -15.20
CA TRP A 63 -0.87 -15.70 -15.46
C TRP A 63 0.27 -15.66 -14.44
N ALA A 64 -0.03 -15.95 -13.18
CA ALA A 64 0.98 -15.90 -12.13
C ALA A 64 2.08 -16.91 -12.37
N LYS A 65 1.76 -18.06 -12.98
CA LYS A 65 2.78 -19.06 -13.27
C LYS A 65 3.81 -18.53 -14.26
N ARG A 66 3.42 -17.59 -15.12
CA ARG A 66 4.32 -17.05 -16.14
C ARG A 66 5.06 -15.81 -15.68
N VAL A 67 4.76 -15.30 -14.48
CA VAL A 67 5.52 -14.19 -13.91
C VAL A 67 6.91 -14.70 -13.57
N PRO A 68 7.97 -14.12 -14.13
CA PRO A 68 9.32 -14.65 -13.91
C PRO A 68 9.68 -14.68 -12.42
N GLY A 69 10.14 -15.84 -11.96
CA GLY A 69 10.51 -16.07 -10.59
C GLY A 69 9.44 -16.70 -9.73
N PHE A 70 8.18 -16.70 -10.20
CA PHE A 70 7.08 -17.19 -9.38
C PHE A 70 7.14 -18.70 -9.19
N VAL A 71 7.45 -19.44 -10.26
CA VAL A 71 7.49 -20.90 -10.17
C VAL A 71 8.71 -21.40 -9.40
N ASP A 72 9.71 -20.56 -9.18
CA ASP A 72 10.83 -20.93 -8.33
C ASP A 72 10.43 -21.03 -6.88
N LEU A 73 9.34 -20.37 -6.49
CA LEU A 73 8.85 -20.41 -5.13
C LEU A 73 8.20 -21.75 -4.83
N THR A 74 8.16 -22.11 -3.55
CA THR A 74 7.46 -23.32 -3.14
C THR A 74 5.96 -23.13 -3.32
N LEU A 75 5.25 -24.26 -3.36
CA LEU A 75 3.80 -24.22 -3.58
C LEU A 75 3.09 -23.49 -2.45
N HIS A 76 3.59 -23.63 -1.22
CA HIS A 76 2.98 -22.95 -0.08
C HIS A 76 3.05 -21.44 -0.24
N ASP A 77 4.19 -20.93 -0.72
CA ASP A 77 4.33 -19.48 -0.86
C ASP A 77 3.53 -18.95 -2.05
N GLN A 78 3.44 -19.72 -3.14
CA GLN A 78 2.61 -19.32 -4.26
C GLN A 78 1.15 -19.17 -3.85
N VAL A 79 0.65 -20.13 -3.06
CA VAL A 79 -0.71 -20.03 -2.53
C VAL A 79 -0.86 -18.77 -1.67
N HIS A 80 0.16 -18.49 -0.84
CA HIS A 80 0.08 -17.35 0.07
C HIS A 80 0.04 -16.03 -0.69
N LEU A 81 0.92 -15.88 -1.70
CA LEU A 81 0.96 -14.63 -2.44
C LEU A 81 -0.34 -14.37 -3.17
N LEU A 82 -0.94 -15.40 -3.77
CA LEU A 82 -2.18 -15.21 -4.52
C LEU A 82 -3.35 -14.92 -3.59
N GLU A 83 -3.38 -15.53 -2.41
CA GLU A 83 -4.45 -15.25 -1.45
C GLU A 83 -4.39 -13.81 -0.99
N CYS A 84 -3.19 -13.27 -0.78
CA CYS A 84 -3.07 -11.91 -0.28
C CYS A 84 -3.35 -10.86 -1.36
N ALA A 85 -3.09 -11.19 -2.62
CA ALA A 85 -3.02 -10.17 -3.67
C ALA A 85 -4.10 -10.26 -4.73
N TRP A 86 -5.00 -11.26 -4.67
CA TRP A 86 -5.90 -11.50 -5.79
C TRP A 86 -6.83 -10.32 -6.06
N LEU A 87 -7.32 -9.67 -5.01
CA LEU A 87 -8.21 -8.53 -5.21
C LEU A 87 -7.45 -7.31 -5.68
N GLU A 88 -6.23 -7.11 -5.18
CA GLU A 88 -5.39 -6.02 -5.69
C GLU A 88 -5.17 -6.18 -7.19
N ILE A 89 -4.90 -7.41 -7.63
CA ILE A 89 -4.58 -7.65 -9.03
C ILE A 89 -5.82 -7.47 -9.91
N LEU A 90 -6.99 -7.90 -9.41
CA LEU A 90 -8.23 -7.63 -10.13
C LEU A 90 -8.47 -6.12 -10.24
N MET A 91 -8.12 -5.38 -9.19
CA MET A 91 -8.44 -3.95 -9.16
C MET A 91 -7.53 -3.15 -10.09
N ILE A 92 -6.23 -3.45 -10.09
CA ILE A 92 -5.35 -2.71 -10.99
C ILE A 92 -5.63 -3.08 -12.44
N GLY A 93 -6.14 -4.29 -12.68
CA GLY A 93 -6.61 -4.62 -14.01
C GLY A 93 -7.83 -3.81 -14.41
N LEU A 94 -8.82 -3.75 -13.51
CA LEU A 94 -10.00 -2.92 -13.74
C LEU A 94 -9.61 -1.46 -13.96
N VAL A 95 -8.72 -0.94 -13.12
CA VAL A 95 -8.29 0.45 -13.22
C VAL A 95 -7.58 0.70 -14.54
N TRP A 96 -6.81 -0.28 -15.02
CA TRP A 96 -6.09 -0.12 -16.28
C TRP A 96 -7.04 -0.15 -17.47
N ARG A 97 -8.03 -1.04 -17.45
CA ARG A 97 -9.02 -1.09 -18.53
C ARG A 97 -9.88 0.16 -18.58
N SER A 98 -9.99 0.90 -17.48
CA SER A 98 -10.87 2.04 -17.37
C SER A 98 -10.18 3.37 -17.64
N MET A 99 -8.92 3.34 -18.09
CA MET A 99 -8.16 4.57 -18.28
C MET A 99 -8.79 5.46 -19.33
N GLU A 100 -9.17 4.90 -20.47
CA GLU A 100 -9.70 5.68 -21.58
C GLU A 100 -11.18 5.98 -21.45
N HIS A 101 -11.79 5.66 -20.30
CA HIS A 101 -13.21 5.90 -20.05
C HIS A 101 -13.32 6.77 -18.80
N PRO A 102 -13.13 8.08 -18.94
CA PRO A 102 -13.14 8.96 -17.76
C PRO A 102 -14.50 8.95 -17.06
N GLY A 103 -14.47 8.74 -15.75
CA GLY A 103 -15.68 8.70 -14.96
C GLY A 103 -16.44 7.39 -15.00
N LYS A 104 -15.90 6.36 -15.65
CA LYS A 104 -16.54 5.06 -15.74
C LYS A 104 -15.55 3.96 -15.43
N LEU A 105 -16.07 2.83 -14.98
CA LEU A 105 -15.27 1.64 -14.70
C LEU A 105 -15.67 0.54 -15.67
N LEU A 106 -14.72 0.12 -16.51
CA LEU A 106 -14.96 -0.94 -17.48
C LEU A 106 -14.68 -2.27 -16.80
N PHE A 107 -15.70 -2.81 -16.13
CA PHE A 107 -15.59 -4.16 -15.59
C PHE A 107 -15.50 -5.18 -16.70
N ALA A 108 -16.19 -4.93 -17.81
CA ALA A 108 -16.10 -5.75 -19.01
C ALA A 108 -16.41 -4.85 -20.19
N PRO A 109 -16.09 -5.28 -21.42
CA PRO A 109 -16.47 -4.48 -22.59
C PRO A 109 -17.97 -4.27 -22.70
N ASN A 110 -18.77 -5.19 -22.18
CA ASN A 110 -20.21 -5.05 -22.15
C ASN A 110 -20.74 -4.66 -20.77
N LEU A 111 -19.88 -4.09 -19.91
CA LEU A 111 -20.27 -3.73 -18.55
C LEU A 111 -19.45 -2.50 -18.14
N LEU A 112 -19.93 -1.33 -18.56
CA LEU A 112 -19.32 -0.05 -18.26
C LEU A 112 -20.20 0.68 -17.25
N LEU A 113 -19.66 0.95 -16.07
CA LEU A 113 -20.43 1.50 -14.96
C LEU A 113 -19.82 2.80 -14.47
N ASP A 114 -20.67 3.77 -14.15
CA ASP A 114 -20.26 5.00 -13.49
C ASP A 114 -20.54 4.92 -12.00
N ARG A 115 -20.26 6.01 -11.29
CA ARG A 115 -20.42 5.99 -9.84
C ARG A 115 -21.90 5.96 -9.44
N ASN A 116 -22.78 6.50 -10.28
CA ASN A 116 -24.20 6.47 -9.96
C ASN A 116 -24.72 5.03 -9.90
N GLN A 117 -24.33 4.20 -10.87
CA GLN A 117 -24.70 2.80 -10.85
C GLN A 117 -23.99 2.03 -9.74
N GLY A 118 -22.86 2.54 -9.24
CA GLY A 118 -22.20 1.93 -8.11
C GLY A 118 -22.96 2.06 -6.81
N LYS A 119 -23.92 2.98 -6.74
CA LYS A 119 -24.75 3.13 -5.57
C LYS A 119 -25.77 2.01 -5.41
N CYS A 120 -25.89 1.13 -6.40
CA CYS A 120 -26.87 0.05 -6.34
C CYS A 120 -26.55 -0.94 -5.23
N VAL A 121 -25.28 -1.14 -4.92
CA VAL A 121 -24.85 -1.99 -3.81
C VAL A 121 -24.46 -1.10 -2.64
N GLU A 122 -24.94 -1.45 -1.45
CA GLU A 122 -24.72 -0.62 -0.27
C GLU A 122 -23.23 -0.56 0.07
N GLY A 123 -22.68 0.65 0.09
CA GLY A 123 -21.31 0.87 0.47
C GLY A 123 -20.28 0.66 -0.61
N MET A 124 -20.70 0.38 -1.84
CA MET A 124 -19.74 0.14 -2.92
C MET A 124 -19.28 1.44 -3.58
N VAL A 125 -20.09 2.51 -3.50
CA VAL A 125 -19.77 3.74 -4.21
C VAL A 125 -18.48 4.37 -3.67
N GLU A 126 -18.19 4.19 -2.37
CA GLU A 126 -16.95 4.70 -1.82
C GLU A 126 -15.74 4.05 -2.47
N ILE A 127 -15.82 2.73 -2.72
CA ILE A 127 -14.72 2.04 -3.39
C ILE A 127 -14.71 2.37 -4.88
N PHE A 128 -15.90 2.51 -5.47
CA PHE A 128 -15.99 2.98 -6.86
C PHE A 128 -15.25 4.30 -7.04
N ASP A 129 -15.47 5.24 -6.11
CA ASP A 129 -14.81 6.55 -6.20
C ASP A 129 -13.30 6.42 -6.07
N MET A 130 -12.83 5.49 -5.24
CA MET A 130 -11.39 5.28 -5.11
C MET A 130 -10.81 4.64 -6.37
N LEU A 131 -11.55 3.71 -6.97
CA LEU A 131 -11.09 3.11 -8.22
C LEU A 131 -11.09 4.13 -9.36
N LEU A 132 -12.08 5.02 -9.38
CA LEU A 132 -12.14 6.05 -10.41
C LEU A 132 -10.96 7.02 -10.29
N ALA A 133 -10.64 7.43 -9.06
CA ALA A 133 -9.53 8.36 -8.87
C ALA A 133 -8.20 7.71 -9.25
N THR A 134 -8.01 6.44 -8.90
CA THR A 134 -6.80 5.72 -9.32
C THR A 134 -6.72 5.65 -10.84
N SER A 135 -7.84 5.34 -11.50
CA SER A 135 -7.86 5.32 -12.96
C SER A 135 -7.57 6.69 -13.54
N SER A 136 -8.08 7.74 -12.89
CA SER A 136 -7.78 9.10 -13.34
C SER A 136 -6.30 9.42 -13.15
N ARG A 137 -5.70 8.92 -12.07
CA ARG A 137 -4.28 9.15 -11.84
C ARG A 137 -3.42 8.49 -12.90
N PHE A 138 -3.79 7.27 -13.32
CA PHE A 138 -3.06 6.59 -14.38
C PHE A 138 -3.19 7.35 -15.70
N ARG A 139 -4.38 7.87 -15.99
CA ARG A 139 -4.59 8.61 -17.24
C ARG A 139 -3.76 9.89 -17.28
N MET A 140 -3.68 10.59 -16.15
CA MET A 140 -2.87 11.81 -16.09
C MET A 140 -1.39 11.50 -16.25
N MET A 141 -0.92 10.41 -15.64
CA MET A 141 0.47 10.00 -15.77
C MET A 141 0.78 9.40 -17.14
N ASN A 142 -0.25 9.06 -17.93
CA ASN A 142 -0.07 8.37 -19.21
C ASN A 142 0.65 7.04 -19.01
N LEU A 143 0.12 6.23 -18.08
CA LEU A 143 0.70 4.94 -17.78
C LEU A 143 0.75 4.06 -19.02
N GLN A 144 1.92 3.49 -19.29
CA GLN A 144 2.10 2.63 -20.45
C GLN A 144 1.86 1.18 -20.07
N GLY A 145 1.51 0.38 -21.08
CA GLY A 145 1.24 -1.03 -20.84
C GLY A 145 2.45 -1.77 -20.27
N GLU A 146 3.64 -1.43 -20.77
CA GLU A 146 4.86 -2.07 -20.25
C GLU A 146 5.07 -1.74 -18.79
N GLU A 147 4.71 -0.52 -18.37
CA GLU A 147 4.79 -0.17 -16.96
C GLU A 147 3.72 -0.90 -16.16
N PHE A 148 2.51 -1.04 -16.73
CA PHE A 148 1.42 -1.69 -16.03
C PHE A 148 1.75 -3.14 -15.69
N VAL A 149 2.27 -3.89 -16.67
CA VAL A 149 2.58 -5.30 -16.42
C VAL A 149 3.68 -5.45 -15.38
N CYS A 150 4.58 -4.47 -15.28
CA CYS A 150 5.58 -4.48 -14.20
C CYS A 150 4.90 -4.25 -12.85
N LEU A 151 4.01 -3.26 -12.78
CA LEU A 151 3.34 -2.94 -11.52
C LEU A 151 2.49 -4.12 -11.04
N LYS A 152 1.83 -4.82 -11.96
CA LYS A 152 0.98 -5.93 -11.57
C LYS A 152 1.80 -7.10 -11.05
N SER A 153 2.97 -7.34 -11.64
CA SER A 153 3.86 -8.38 -11.13
C SER A 153 4.44 -8.01 -9.78
N ILE A 154 4.69 -6.71 -9.55
CA ILE A 154 5.19 -6.25 -8.25
C ILE A 154 4.17 -6.54 -7.17
N ILE A 155 2.89 -6.25 -7.43
CA ILE A 155 1.84 -6.53 -6.45
C ILE A 155 1.83 -8.01 -6.08
N LEU A 156 1.90 -8.88 -7.08
CA LEU A 156 1.84 -10.32 -6.83
C LEU A 156 2.98 -10.76 -5.90
N LEU A 157 4.18 -10.25 -6.11
CA LEU A 157 5.33 -10.71 -5.35
C LEU A 157 5.47 -10.01 -4.00
N ASN A 158 4.95 -8.79 -3.88
CA ASN A 158 5.22 -7.97 -2.69
C ASN A 158 4.13 -8.05 -1.63
N SER A 159 2.87 -8.20 -2.03
CA SER A 159 1.76 -8.01 -1.10
C SER A 159 1.72 -9.06 0.02
N GLY A 160 2.38 -10.20 -0.16
CA GLY A 160 2.36 -11.22 0.87
C GLY A 160 3.74 -11.64 1.33
N VAL A 161 4.75 -10.80 1.07
CA VAL A 161 6.13 -11.20 1.34
C VAL A 161 6.51 -11.08 2.81
N TYR A 162 5.81 -10.26 3.60
CA TYR A 162 6.11 -10.10 5.02
C TYR A 162 5.06 -10.76 5.90
N THR A 163 4.40 -11.80 5.40
CA THR A 163 3.40 -12.54 6.16
C THR A 163 3.58 -14.04 6.05
N PHE A 164 4.75 -14.50 5.63
CA PHE A 164 5.05 -15.92 5.55
C PHE A 164 5.04 -16.57 6.92
N GLU A 173 14.88 -17.09 3.58
CA GLU A 173 15.50 -17.63 2.38
C GLU A 173 14.62 -17.41 1.15
N GLU A 174 13.37 -17.89 1.24
CA GLU A 174 12.42 -17.67 0.15
C GLU A 174 12.12 -16.18 -0.02
N LYS A 175 12.15 -15.41 1.07
CA LYS A 175 11.98 -13.98 0.96
C LYS A 175 13.13 -13.32 0.21
N ASP A 176 14.34 -13.89 0.31
CA ASP A 176 15.49 -13.30 -0.34
C ASP A 176 15.39 -13.40 -1.86
N HIS A 177 14.87 -14.52 -2.37
CA HIS A 177 14.72 -14.68 -3.81
C HIS A 177 13.68 -13.71 -4.38
N ILE A 178 12.56 -13.55 -3.67
CA ILE A 178 11.52 -12.63 -4.13
C ILE A 178 12.05 -11.20 -4.18
N HIS A 179 12.86 -10.82 -3.20
CA HIS A 179 13.40 -9.47 -3.16
C HIS A 179 14.35 -9.20 -4.31
N ARG A 180 15.11 -10.21 -4.74
CA ARG A 180 16.02 -10.02 -5.87
C ARG A 180 15.26 -9.94 -7.18
N VAL A 181 14.16 -10.70 -7.32
CA VAL A 181 13.31 -10.56 -8.50
C VAL A 181 12.64 -9.19 -8.50
N LEU A 182 12.22 -8.71 -7.33
CA LEU A 182 11.61 -7.39 -7.24
C LEU A 182 12.57 -6.30 -7.67
N ASP A 183 13.86 -6.44 -7.30
CA ASP A 183 14.85 -5.47 -7.76
C ASP A 183 15.00 -5.51 -9.28
N LYS A 184 14.92 -6.71 -9.87
CA LYS A 184 15.01 -6.82 -11.32
C LYS A 184 13.85 -6.10 -12.01
N ILE A 185 12.66 -6.17 -11.42
CA ILE A 185 11.52 -5.46 -12.00
C ILE A 185 11.69 -3.96 -11.83
N THR A 186 12.32 -3.52 -10.74
CA THR A 186 12.64 -2.11 -10.58
C THR A 186 13.60 -1.65 -11.68
N ASP A 187 14.64 -2.44 -11.95
CA ASP A 187 15.54 -2.14 -13.06
C ASP A 187 14.79 -2.06 -14.38
N THR A 188 13.76 -2.89 -14.55
CA THR A 188 13.00 -2.89 -15.78
C THR A 188 12.18 -1.61 -15.93
N LEU A 189 11.55 -1.16 -14.85
CA LEU A 189 10.79 0.09 -14.89
C LEU A 189 11.69 1.27 -15.25
N ILE A 190 12.86 1.34 -14.61
CA ILE A 190 13.81 2.42 -14.92
C ILE A 190 14.27 2.34 -16.36
N HIS A 191 14.51 1.13 -16.85
CA HIS A 191 14.90 0.95 -18.25
C HIS A 191 13.83 1.48 -19.19
N LEU A 192 12.56 1.24 -18.87
CA LEU A 192 11.47 1.72 -19.71
C LEU A 192 11.42 3.24 -19.73
N MET A 193 11.59 3.88 -18.57
CA MET A 193 11.50 5.33 -18.48
C MET A 193 12.70 6.00 -19.14
N ALA A 194 13.91 5.46 -18.94
CA ALA A 194 15.07 5.99 -19.62
C ALA A 194 14.94 5.83 -21.13
N LYS A 195 14.28 4.76 -21.58
CA LYS A 195 14.05 4.56 -23.01
C LYS A 195 13.01 5.53 -23.56
N ALA A 196 12.15 6.07 -22.70
CA ALA A 196 11.12 7.02 -23.11
C ALA A 196 11.60 8.46 -23.11
N GLY A 197 12.89 8.70 -22.85
CA GLY A 197 13.46 10.02 -22.92
C GLY A 197 13.44 10.81 -21.62
N LEU A 198 12.96 10.22 -20.52
CA LEU A 198 12.92 10.92 -19.26
C LEU A 198 14.33 11.11 -18.71
N THR A 199 14.55 12.23 -18.04
CA THR A 199 15.82 12.47 -17.38
C THR A 199 15.96 11.58 -16.15
N LEU A 200 17.18 11.53 -15.61
CA LEU A 200 17.43 10.74 -14.41
C LEU A 200 16.54 11.17 -13.26
N GLN A 201 16.31 12.48 -13.12
CA GLN A 201 15.41 12.98 -12.09
C GLN A 201 13.97 12.56 -12.36
N GLN A 202 13.53 12.69 -13.61
CA GLN A 202 12.16 12.30 -13.96
C GLN A 202 11.96 10.80 -13.81
N GLN A 203 13.00 10.00 -14.02
CA GLN A 203 12.89 8.56 -13.86
C GLN A 203 12.59 8.19 -12.42
N HIS A 204 13.36 8.74 -11.48
CA HIS A 204 13.16 8.41 -10.06
C HIS A 204 11.84 8.96 -9.56
N GLN A 205 11.43 10.13 -10.06
CA GLN A 205 10.15 10.70 -9.63
C GLN A 205 8.97 9.85 -10.12
N ARG A 206 8.99 9.45 -11.38
CA ARG A 206 7.91 8.62 -11.91
C ARG A 206 7.88 7.25 -11.25
N LEU A 207 9.06 6.67 -11.01
CA LEU A 207 9.13 5.40 -10.28
C LEU A 207 8.45 5.51 -8.93
N ALA A 208 8.69 6.63 -8.22
CA ALA A 208 8.06 6.81 -6.92
C ALA A 208 6.56 6.99 -7.05
N GLN A 209 6.12 7.78 -8.04
CA GLN A 209 4.69 8.00 -8.23
C GLN A 209 3.95 6.70 -8.48
N LEU A 210 4.55 5.82 -9.29
CA LEU A 210 3.89 4.54 -9.61
C LEU A 210 3.80 3.66 -8.36
N LEU A 211 4.89 3.57 -7.59
CA LEU A 211 4.90 2.68 -6.44
C LEU A 211 4.00 3.19 -5.32
N LEU A 212 3.86 4.51 -5.19
CA LEU A 212 2.96 5.04 -4.16
C LEU A 212 1.50 4.72 -4.46
N ILE A 213 1.14 4.61 -5.74
CA ILE A 213 -0.21 4.21 -6.10
C ILE A 213 -0.51 2.80 -5.60
N LEU A 214 0.52 1.95 -5.53
CA LEU A 214 0.31 0.59 -5.01
C LEU A 214 -0.14 0.62 -3.55
N SER A 215 0.22 1.67 -2.81
CA SER A 215 -0.28 1.81 -1.45
C SER A 215 -1.79 2.06 -1.45
N HIS A 216 -2.28 2.83 -2.42
CA HIS A 216 -3.73 3.05 -2.53
C HIS A 216 -4.45 1.79 -2.99
N ILE A 217 -3.84 1.03 -3.89
CA ILE A 217 -4.46 -0.21 -4.36
C ILE A 217 -4.57 -1.22 -3.22
N ARG A 218 -3.56 -1.27 -2.35
CA ARG A 218 -3.66 -2.09 -1.15
C ARG A 218 -4.82 -1.63 -0.28
N HIS A 219 -4.98 -0.32 -0.12
CA HIS A 219 -6.06 0.22 0.70
C HIS A 219 -7.42 -0.17 0.14
N MET A 220 -7.59 -0.07 -1.18
CA MET A 220 -8.87 -0.41 -1.79
C MET A 220 -9.17 -1.90 -1.65
N SER A 221 -8.15 -2.75 -1.71
CA SER A 221 -8.37 -4.18 -1.55
C SER A 221 -8.82 -4.51 -0.13
N ASN A 222 -8.13 -3.95 0.87
CA ASN A 222 -8.49 -4.22 2.26
C ASN A 222 -9.91 -3.77 2.56
N LYS A 223 -10.25 -2.54 2.15
CA LYS A 223 -11.63 -2.08 2.29
C LYS A 223 -12.59 -2.94 1.47
N GLY A 224 -12.13 -3.44 0.32
CA GLY A 224 -12.98 -4.32 -0.47
C GLY A 224 -13.20 -5.67 0.20
N MET A 225 -12.10 -6.29 0.65
CA MET A 225 -12.22 -7.58 1.32
C MET A 225 -13.11 -7.50 2.55
N GLU A 226 -13.01 -6.39 3.29
CA GLU A 226 -13.78 -6.24 4.52
C GLU A 226 -15.29 -6.30 4.26
N HIS A 227 -15.74 -5.67 3.17
CA HIS A 227 -17.15 -5.77 2.80
C HIS A 227 -17.50 -7.14 2.20
N LEU A 228 -16.50 -7.86 1.69
CA LEU A 228 -16.78 -9.12 1.00
C LEU A 228 -17.06 -10.25 1.99
N TYR A 229 -16.20 -10.44 2.99
CA TYR A 229 -16.45 -11.48 3.98
C TYR A 229 -17.44 -11.06 5.06
N SER A 230 -18.24 -10.02 4.80
CA SER A 230 -19.39 -9.70 5.63
C SER A 230 -20.70 -10.08 4.97
N MET A 231 -20.82 -9.88 3.65
CA MET A 231 -22.01 -10.26 2.91
C MET A 231 -21.87 -11.67 2.34
N SER A 240 -19.40 -19.35 -5.87
CA SER A 240 -17.99 -19.47 -6.24
C SER A 240 -17.18 -20.07 -5.09
N ASP A 241 -16.93 -21.37 -5.16
CA ASP A 241 -16.15 -22.03 -4.12
C ASP A 241 -14.70 -21.53 -4.10
N LEU A 242 -14.15 -21.19 -5.27
CA LEU A 242 -12.79 -20.66 -5.30
C LEU A 242 -12.72 -19.30 -4.61
N LEU A 243 -13.72 -18.44 -4.84
CA LEU A 243 -13.72 -17.13 -4.19
C LEU A 243 -13.91 -17.27 -2.69
N LEU A 244 -14.71 -18.23 -2.25
CA LEU A 244 -14.91 -18.44 -0.82
C LEU A 244 -13.60 -18.78 -0.12
N GLU A 245 -12.73 -19.54 -0.79
CA GLU A 245 -11.44 -19.87 -0.20
C GLU A 245 -10.46 -18.71 -0.27
N MET A 246 -10.47 -17.96 -1.38
CA MET A 246 -9.65 -16.75 -1.45
C MET A 246 -10.13 -15.71 -0.45
N LEU A 247 -11.45 -15.58 -0.30
CA LEU A 247 -12.00 -14.67 0.70
C LEU A 247 -11.73 -15.17 2.13
N ASP A 248 -11.63 -16.49 2.30
CA ASP A 248 -11.40 -17.06 3.63
C ASP A 248 -10.01 -16.75 4.16
N ALA A 249 -9.05 -16.46 3.27
CA ALA A 249 -7.68 -16.26 3.72
C ALA A 249 -7.51 -14.93 4.47
N HIS A 250 -8.35 -13.94 4.19
CA HIS A 250 -8.26 -12.64 4.82
C HIS A 250 -9.18 -12.51 6.03
N ARG A 251 -9.42 -13.61 6.73
CA ARG A 251 -10.29 -13.59 7.92
C ARG A 251 -9.96 -14.74 8.84
N SER B 8 4.80 27.61 -3.34
CA SER B 8 4.95 27.57 -1.88
C SER B 8 6.42 27.42 -1.49
N LEU B 9 6.70 27.64 -0.20
CA LEU B 9 8.08 27.62 0.26
C LEU B 9 8.72 26.24 0.16
N ALA B 10 7.91 25.18 0.29
CA ALA B 10 8.46 23.83 0.33
C ALA B 10 9.19 23.48 -0.96
N LEU B 11 8.68 23.90 -2.10
CA LEU B 11 9.30 23.64 -3.37
C LEU B 11 10.66 24.27 -3.55
N SER B 12 10.87 25.39 -2.90
CA SER B 12 12.09 26.16 -3.04
C SER B 12 13.22 25.70 -2.15
N LEU B 13 12.93 24.78 -1.25
CA LEU B 13 13.92 24.22 -0.36
C LEU B 13 14.91 23.35 -1.07
N THR B 14 16.14 23.39 -0.62
CA THR B 14 17.13 22.43 -1.03
C THR B 14 17.07 21.12 -0.29
N ALA B 15 17.80 20.13 -0.76
CA ALA B 15 17.73 18.80 -0.17
C ALA B 15 18.14 18.84 1.31
N ASP B 16 19.24 19.52 1.61
CA ASP B 16 19.71 19.59 2.99
C ASP B 16 18.73 20.37 3.87
N GLN B 17 18.15 21.46 3.34
CA GLN B 17 17.18 22.22 4.12
C GLN B 17 15.91 21.41 4.35
N MET B 18 15.52 20.59 3.37
CA MET B 18 14.40 19.68 3.57
C MET B 18 14.70 18.64 4.65
N VAL B 19 15.92 18.08 4.61
CA VAL B 19 16.32 17.09 5.61
C VAL B 19 16.34 17.71 7.01
N SER B 20 16.97 18.88 7.13
CA SER B 20 17.12 19.50 8.45
C SER B 20 15.77 19.93 9.02
N ALA B 21 14.85 20.37 8.15
CA ALA B 21 13.53 20.75 8.61
C ALA B 21 12.77 19.55 9.16
N LEU B 22 12.88 18.40 8.50
CA LEU B 22 12.18 17.21 8.95
C LEU B 22 12.78 16.68 10.26
N LEU B 23 14.11 16.64 10.34
CA LEU B 23 14.75 16.21 11.58
C LEU B 23 14.41 17.13 12.75
N ASP B 24 14.30 18.43 12.49
CA ASP B 24 14.00 19.38 13.54
C ASP B 24 12.56 19.25 14.03
N ALA B 25 11.67 18.76 13.16
CA ALA B 25 10.26 18.60 13.51
C ALA B 25 9.94 17.26 14.17
N GLU B 26 10.95 16.44 14.43
CA GLU B 26 10.71 15.11 14.97
C GLU B 26 10.01 15.19 16.32
N PRO B 27 8.93 14.45 16.53
CA PRO B 27 8.27 14.44 17.84
C PRO B 27 9.09 13.64 18.84
N PRO B 28 8.91 13.88 20.14
CA PRO B 28 9.68 13.15 21.13
C PRO B 28 9.16 11.74 21.37
N ILE B 29 10.01 10.94 22.00
CA ILE B 29 9.65 9.59 22.40
C ILE B 29 9.01 9.65 23.78
N LEU B 30 7.74 9.27 23.86
CA LEU B 30 6.99 9.35 25.10
C LEU B 30 7.10 8.06 25.91
N TYR B 31 6.78 8.17 27.19
CA TYR B 31 6.74 7.03 28.09
C TYR B 31 5.30 6.60 28.34
N SER B 32 5.12 5.33 28.70
CA SER B 32 3.81 4.84 29.10
C SER B 32 3.63 5.01 30.61
N GLU B 33 2.41 4.74 31.07
CA GLU B 33 2.11 4.90 32.49
C GLU B 33 2.90 3.90 33.33
N TYR B 34 3.39 4.37 34.48
CA TYR B 34 4.19 3.55 35.36
C TYR B 34 3.36 2.43 36.00
N SER B 41 -3.24 -8.33 31.91
CA SER B 41 -4.63 -8.39 31.44
C SER B 41 -4.74 -7.87 30.01
N GLU B 42 -5.78 -8.32 29.31
CA GLU B 42 -6.05 -7.78 27.97
C GLU B 42 -6.47 -6.33 28.06
N ALA B 43 -7.25 -5.97 29.09
CA ALA B 43 -7.68 -4.59 29.25
C ALA B 43 -6.56 -3.70 29.76
N SER B 44 -5.66 -4.24 30.58
CA SER B 44 -4.56 -3.44 31.10
C SER B 44 -3.61 -3.00 29.98
N MET B 45 -3.39 -3.87 28.99
CA MET B 45 -2.50 -3.51 27.89
C MET B 45 -3.19 -2.57 26.90
N MET B 46 -4.47 -2.82 26.61
CA MET B 46 -5.20 -1.93 25.71
C MET B 46 -5.30 -0.52 26.27
N GLY B 47 -5.44 -0.40 27.59
CA GLY B 47 -5.43 0.91 28.20
C GLY B 47 -4.08 1.60 28.06
N LEU B 48 -3.00 0.86 28.31
CA LEU B 48 -1.66 1.42 28.16
C LEU B 48 -1.41 1.90 26.74
N LEU B 49 -1.80 1.09 25.74
CA LEU B 49 -1.59 1.47 24.35
C LEU B 49 -2.48 2.64 23.95
N THR B 50 -3.75 2.61 24.38
CA THR B 50 -4.67 3.69 24.03
C THR B 50 -4.20 5.02 24.62
N ASN B 51 -3.77 5.00 25.89
CA ASN B 51 -3.28 6.22 26.52
C ASN B 51 -2.03 6.74 25.84
N LEU B 52 -1.11 5.85 25.47
CA LEU B 52 0.13 6.26 24.82
C LEU B 52 -0.16 6.85 23.43
N ALA B 53 -1.00 6.17 22.65
CA ALA B 53 -1.35 6.69 21.33
C ALA B 53 -2.11 8.01 21.43
N ASP B 54 -2.84 8.22 22.52
CA ASP B 54 -3.60 9.45 22.67
C ASP B 54 -2.68 10.65 22.89
N ARG B 55 -1.60 10.47 23.65
CA ARG B 55 -0.66 11.56 23.86
C ARG B 55 0.25 11.77 22.67
N GLU B 56 0.52 10.71 21.89
CA GLU B 56 1.34 10.86 20.70
C GLU B 56 0.62 11.63 19.60
N LEU B 57 -0.71 11.52 19.53
CA LEU B 57 -1.45 12.23 18.49
C LEU B 57 -1.30 13.74 18.61
N VAL B 58 -1.24 14.25 19.85
CA VAL B 58 -1.05 15.68 20.05
C VAL B 58 0.29 16.12 19.47
N HIS B 59 1.35 15.32 19.70
CA HIS B 59 2.65 15.64 19.12
C HIS B 59 2.67 15.40 17.61
N MET B 60 1.83 14.48 17.11
CA MET B 60 1.78 14.24 15.68
C MET B 60 1.20 15.44 14.94
N ILE B 61 0.24 16.14 15.55
CA ILE B 61 -0.37 17.28 14.90
C ILE B 61 0.62 18.43 14.78
N ASN B 62 1.45 18.63 15.81
CA ASN B 62 2.50 19.65 15.72
C ASN B 62 3.54 19.27 14.68
N TRP B 63 3.92 18.00 14.63
CA TRP B 63 4.86 17.54 13.61
C TRP B 63 4.31 17.76 12.21
N ALA B 64 3.04 17.41 12.00
CA ALA B 64 2.43 17.59 10.69
C ALA B 64 2.42 19.06 10.26
N LYS B 65 2.22 19.97 11.21
CA LYS B 65 2.26 21.39 10.90
C LYS B 65 3.63 21.82 10.39
N ARG B 66 4.68 21.11 10.75
CA ARG B 66 6.03 21.49 10.36
C ARG B 66 6.59 20.68 9.20
N VAL B 67 5.77 19.81 8.60
CA VAL B 67 6.15 19.12 7.37
C VAL B 67 6.01 20.12 6.22
N PRO B 68 7.07 20.41 5.48
CA PRO B 68 6.99 21.44 4.44
C PRO B 68 5.91 21.12 3.41
N GLY B 69 5.02 22.09 3.19
CA GLY B 69 3.92 21.96 2.27
C GLY B 69 2.59 21.61 2.92
N PHE B 70 2.60 21.16 4.18
CA PHE B 70 1.36 20.73 4.82
C PHE B 70 0.47 21.92 5.18
N VAL B 71 1.07 23.00 5.69
CA VAL B 71 0.27 24.16 6.07
C VAL B 71 -0.27 24.90 4.85
N ASP B 72 0.29 24.67 3.67
CA ASP B 72 -0.25 25.28 2.46
C ASP B 72 -1.61 24.70 2.08
N LEU B 73 -1.92 23.49 2.57
CA LEU B 73 -3.23 22.90 2.34
C LEU B 73 -4.30 23.62 3.16
N THR B 74 -5.54 23.48 2.73
CA THR B 74 -6.65 24.05 3.49
C THR B 74 -6.85 23.26 4.79
N LEU B 75 -7.64 23.83 5.69
CA LEU B 75 -7.91 23.18 6.96
C LEU B 75 -8.61 21.84 6.77
N HIS B 76 -9.52 21.76 5.80
CA HIS B 76 -10.24 20.52 5.55
C HIS B 76 -9.32 19.43 5.04
N ASP B 77 -8.41 19.77 4.12
CA ASP B 77 -7.50 18.76 3.57
C ASP B 77 -6.47 18.32 4.60
N GLN B 78 -6.05 19.21 5.50
CA GLN B 78 -5.15 18.82 6.57
C GLN B 78 -5.81 17.79 7.49
N VAL B 79 -7.07 18.05 7.86
CA VAL B 79 -7.82 17.09 8.68
C VAL B 79 -7.94 15.75 7.96
N HIS B 80 -8.19 15.79 6.66
CA HIS B 80 -8.38 14.55 5.90
C HIS B 80 -7.13 13.69 5.90
N LEU B 81 -5.97 14.30 5.63
CA LEU B 81 -4.74 13.53 5.57
C LEU B 81 -4.40 12.91 6.92
N LEU B 82 -4.61 13.65 8.00
CA LEU B 82 -4.30 13.13 9.32
C LEU B 82 -5.26 12.00 9.72
N GLU B 83 -6.55 12.18 9.45
CA GLU B 83 -7.52 11.13 9.75
C GLU B 83 -7.18 9.84 9.02
N CYS B 84 -6.69 9.94 7.78
CA CYS B 84 -6.37 8.76 7.00
C CYS B 84 -5.06 8.11 7.45
N ALA B 85 -4.09 8.92 7.86
CA ALA B 85 -2.71 8.44 8.00
C ALA B 85 -2.27 8.23 9.44
N TRP B 86 -3.12 8.51 10.43
CA TRP B 86 -2.62 8.62 11.81
C TRP B 86 -2.09 7.29 12.33
N LEU B 87 -2.80 6.19 12.08
CA LEU B 87 -2.30 4.90 12.54
C LEU B 87 -1.09 4.45 11.76
N GLU B 88 -1.01 4.79 10.47
CA GLU B 88 0.20 4.51 9.70
C GLU B 88 1.41 5.22 10.29
N ILE B 89 1.23 6.48 10.70
CA ILE B 89 2.35 7.26 11.23
C ILE B 89 2.78 6.74 12.59
N LEU B 90 1.81 6.36 13.44
CA LEU B 90 2.16 5.75 14.71
C LEU B 90 2.94 4.46 14.51
N MET B 91 2.56 3.67 13.50
CA MET B 91 3.17 2.36 13.31
C MET B 91 4.60 2.47 12.81
N ILE B 92 4.86 3.35 11.84
CA ILE B 92 6.23 3.46 11.33
C ILE B 92 7.14 4.08 12.38
N GLY B 93 6.59 4.91 13.27
CA GLY B 93 7.38 5.38 14.40
C GLY B 93 7.73 4.25 15.35
N LEU B 94 6.75 3.42 15.68
CA LEU B 94 7.01 2.25 16.52
C LEU B 94 8.04 1.32 15.89
N VAL B 95 7.92 1.08 14.58
CA VAL B 95 8.85 0.19 13.89
C VAL B 95 10.25 0.79 13.87
N TRP B 96 10.35 2.12 13.71
CA TRP B 96 11.65 2.77 13.71
C TRP B 96 12.31 2.70 15.08
N ARG B 97 11.53 2.92 16.15
CA ARG B 97 12.07 2.84 17.49
C ARG B 97 12.57 1.44 17.83
N SER B 98 11.96 0.42 17.23
CA SER B 98 12.24 -0.98 17.56
C SER B 98 13.35 -1.58 16.71
N MET B 99 13.98 -0.78 15.83
CA MET B 99 14.99 -1.33 14.92
C MET B 99 16.14 -1.98 15.68
N GLU B 100 16.64 -1.32 16.71
CA GLU B 100 17.80 -1.81 17.44
C GLU B 100 17.44 -2.85 18.49
N HIS B 101 16.17 -3.25 18.59
CA HIS B 101 15.71 -4.25 19.55
C HIS B 101 15.08 -5.40 18.78
N PRO B 102 15.89 -6.30 18.22
CA PRO B 102 15.33 -7.38 17.39
C PRO B 102 14.40 -8.28 18.20
N GLY B 103 13.29 -8.66 17.57
CA GLY B 103 12.30 -9.51 18.21
C GLY B 103 11.40 -8.80 19.20
N LYS B 104 11.57 -7.50 19.41
CA LYS B 104 10.78 -6.75 20.38
C LYS B 104 10.25 -5.47 19.75
N LEU B 105 9.15 -4.98 20.30
CA LEU B 105 8.54 -3.71 19.88
C LEU B 105 8.66 -2.72 21.03
N LEU B 106 9.41 -1.65 20.80
CA LEU B 106 9.61 -0.61 21.80
C LEU B 106 8.50 0.43 21.64
N PHE B 107 7.36 0.15 22.27
CA PHE B 107 6.28 1.13 22.33
C PHE B 107 6.74 2.38 23.06
N ALA B 108 7.39 2.20 24.20
CA ALA B 108 7.97 3.28 25.00
C ALA B 108 9.29 2.76 25.57
N PRO B 109 10.17 3.67 26.00
CA PRO B 109 11.42 3.22 26.64
C PRO B 109 11.18 2.36 27.86
N ASN B 110 10.03 2.48 28.52
CA ASN B 110 9.67 1.65 29.66
C ASN B 110 8.58 0.63 29.31
N LEU B 111 8.37 0.38 28.01
CA LEU B 111 7.35 -0.59 27.57
C LEU B 111 7.89 -1.29 26.31
N LEU B 112 8.69 -2.32 26.55
CA LEU B 112 9.32 -3.11 25.49
C LEU B 112 8.72 -4.51 25.52
N LEU B 113 8.00 -4.87 24.47
CA LEU B 113 7.22 -6.09 24.44
C LEU B 113 7.66 -7.02 23.32
N ASP B 114 7.49 -8.31 23.53
CA ASP B 114 7.74 -9.34 22.54
C ASP B 114 6.41 -9.88 22.01
N ARG B 115 6.50 -10.80 21.03
CA ARG B 115 5.29 -11.30 20.40
C ARG B 115 4.46 -12.17 21.35
N ASN B 116 5.10 -12.81 22.32
CA ASN B 116 4.37 -13.61 23.29
C ASN B 116 3.43 -12.74 24.11
N GLN B 117 3.92 -11.58 24.57
CA GLN B 117 3.07 -10.66 25.30
C GLN B 117 1.96 -10.09 24.41
N GLY B 118 2.19 -10.05 23.09
CA GLY B 118 1.14 -9.61 22.19
C GLY B 118 -0.06 -10.53 22.18
N LYS B 119 0.15 -11.81 22.51
CA LYS B 119 -0.95 -12.77 22.59
C LYS B 119 -1.92 -12.46 23.71
N CYS B 120 -1.57 -11.58 24.64
CA CYS B 120 -2.45 -11.27 25.75
C CYS B 120 -3.75 -10.62 25.29
N VAL B 121 -3.70 -9.84 24.22
CA VAL B 121 -4.88 -9.24 23.61
C VAL B 121 -5.28 -10.06 22.39
N GLU B 122 -6.58 -10.35 22.28
CA GLU B 122 -7.06 -11.21 21.21
C GLU B 122 -6.87 -10.55 19.85
N GLY B 123 -6.20 -11.26 18.94
CA GLY B 123 -6.01 -10.79 17.59
C GLY B 123 -4.86 -9.82 17.38
N MET B 124 -4.12 -9.47 18.44
CA MET B 124 -3.02 -8.53 18.31
C MET B 124 -1.71 -9.19 17.92
N VAL B 125 -1.53 -10.48 18.19
CA VAL B 125 -0.28 -11.16 17.87
C VAL B 125 -0.03 -11.16 16.37
N GLU B 126 -1.09 -11.21 15.56
CA GLU B 126 -0.91 -11.19 14.11
C GLU B 126 -0.36 -9.85 13.65
N ILE B 127 -0.87 -8.75 14.18
CA ILE B 127 -0.36 -7.44 13.84
C ILE B 127 1.03 -7.23 14.45
N PHE B 128 1.28 -7.82 15.62
CA PHE B 128 2.60 -7.75 16.23
C PHE B 128 3.65 -8.36 15.31
N ASP B 129 3.36 -9.56 14.77
CA ASP B 129 4.32 -10.22 13.89
C ASP B 129 4.60 -9.41 12.64
N MET B 130 3.57 -8.74 12.11
CA MET B 130 3.78 -7.88 10.94
C MET B 130 4.65 -6.70 11.30
N LEU B 131 4.43 -6.08 12.47
CA LEU B 131 5.26 -4.97 12.91
C LEU B 131 6.71 -5.42 13.11
N LEU B 132 6.90 -6.57 13.76
CA LEU B 132 8.25 -7.09 13.96
C LEU B 132 8.95 -7.37 12.63
N ALA B 133 8.21 -7.89 11.66
CA ALA B 133 8.80 -8.16 10.34
C ALA B 133 9.20 -6.87 9.64
N THR B 134 8.40 -5.81 9.82
CA THR B 134 8.77 -4.51 9.26
C THR B 134 10.04 -3.97 9.90
N SER B 135 10.16 -4.13 11.22
CA SER B 135 11.35 -3.63 11.92
C SER B 135 12.60 -4.40 11.50
N SER B 136 12.50 -5.72 11.37
CA SER B 136 13.63 -6.50 10.89
C SER B 136 14.01 -6.09 9.47
N ARG B 137 13.02 -5.75 8.65
CA ARG B 137 13.30 -5.31 7.28
C ARG B 137 14.03 -3.97 7.27
N PHE B 138 13.55 -3.02 8.09
CA PHE B 138 14.26 -1.75 8.22
C PHE B 138 15.69 -1.96 8.74
N ARG B 139 15.87 -2.92 9.66
CA ARG B 139 17.19 -3.14 10.23
C ARG B 139 18.13 -3.73 9.19
N MET B 140 17.67 -4.73 8.44
CA MET B 140 18.52 -5.36 7.43
C MET B 140 18.84 -4.41 6.28
N MET B 141 18.02 -3.38 6.04
CA MET B 141 18.33 -2.37 5.04
C MET B 141 19.22 -1.26 5.56
N ASN B 142 19.53 -1.26 6.86
CA ASN B 142 20.28 -0.18 7.49
C ASN B 142 19.61 1.17 7.26
N LEU B 143 18.30 1.21 7.51
CA LEU B 143 17.53 2.44 7.34
C LEU B 143 18.12 3.55 8.21
N GLN B 144 18.37 4.70 7.59
CA GLN B 144 18.95 5.84 8.27
C GLN B 144 17.87 6.79 8.75
N GLY B 145 18.21 7.61 9.75
CA GLY B 145 17.24 8.55 10.29
C GLY B 145 16.76 9.56 9.25
N GLU B 146 17.67 10.02 8.39
CA GLU B 146 17.28 10.95 7.33
C GLU B 146 16.31 10.30 6.35
N GLU B 147 16.46 9.00 6.11
CA GLU B 147 15.51 8.30 5.24
C GLU B 147 14.17 8.10 5.94
N PHE B 148 14.21 7.85 7.24
CA PHE B 148 12.98 7.54 7.98
C PHE B 148 12.02 8.73 7.97
N VAL B 149 12.53 9.92 8.27
CA VAL B 149 11.66 11.10 8.33
C VAL B 149 11.10 11.43 6.94
N CYS B 150 11.85 11.12 5.88
CA CYS B 150 11.31 11.30 4.54
C CYS B 150 10.14 10.36 4.29
N LEU B 151 10.28 9.09 4.70
CA LEU B 151 9.20 8.12 4.52
C LEU B 151 7.97 8.51 5.31
N LYS B 152 8.16 8.95 6.56
CA LYS B 152 7.00 9.31 7.39
C LYS B 152 6.26 10.50 6.82
N SER B 153 6.97 11.46 6.24
CA SER B 153 6.31 12.59 5.57
C SER B 153 5.54 12.13 4.34
N ILE B 154 6.09 11.15 3.61
CA ILE B 154 5.41 10.64 2.42
C ILE B 154 4.07 10.03 2.80
N ILE B 155 4.06 9.25 3.89
CA ILE B 155 2.82 8.60 4.34
C ILE B 155 1.75 9.65 4.62
N LEU B 156 2.13 10.73 5.32
CA LEU B 156 1.18 11.79 5.65
C LEU B 156 0.53 12.36 4.39
N LEU B 157 1.35 12.70 3.39
CA LEU B 157 0.86 13.40 2.21
C LEU B 157 0.21 12.46 1.19
N ASN B 158 0.57 11.17 1.19
CA ASN B 158 0.11 10.27 0.14
C ASN B 158 -1.11 9.44 0.54
N SER B 159 -1.32 9.17 1.83
CA SER B 159 -2.33 8.21 2.23
C SER B 159 -3.75 8.69 1.97
N GLY B 160 -3.99 9.99 1.90
CA GLY B 160 -5.34 10.47 1.67
C GLY B 160 -5.48 11.35 0.45
N VAL B 161 -4.46 11.37 -0.41
CA VAL B 161 -4.48 12.25 -1.56
C VAL B 161 -5.52 11.80 -2.59
N TYR B 162 -5.81 10.51 -2.65
CA TYR B 162 -6.77 9.97 -3.60
C TYR B 162 -8.19 9.90 -3.03
N THR B 163 -8.40 10.39 -1.82
CA THR B 163 -9.73 10.36 -1.21
C THR B 163 -10.14 11.76 -0.76
N ASP B 176 -2.86 19.09 -6.96
CA ASP B 176 -1.59 18.74 -7.59
C ASP B 176 -0.41 19.24 -6.77
N HIS B 177 -0.69 20.13 -5.82
CA HIS B 177 0.36 20.63 -4.94
C HIS B 177 0.99 19.51 -4.12
N ILE B 178 0.16 18.58 -3.63
CA ILE B 178 0.67 17.46 -2.84
C ILE B 178 1.64 16.62 -3.66
N HIS B 179 1.32 16.41 -4.94
CA HIS B 179 2.20 15.61 -5.79
C HIS B 179 3.52 16.32 -6.08
N ARG B 180 3.50 17.65 -6.16
CA ARG B 180 4.75 18.39 -6.31
C ARG B 180 5.63 18.26 -5.07
N VAL B 181 5.03 18.17 -3.89
CA VAL B 181 5.81 18.00 -2.67
C VAL B 181 6.34 16.58 -2.56
N LEU B 182 5.55 15.59 -3.01
CA LEU B 182 6.01 14.21 -2.99
C LEU B 182 7.24 14.03 -3.87
N ASP B 183 7.26 14.66 -5.04
CA ASP B 183 8.43 14.60 -5.90
C ASP B 183 9.66 15.19 -5.20
N LYS B 184 9.48 16.31 -4.52
CA LYS B 184 10.60 16.94 -3.81
C LYS B 184 11.17 16.02 -2.74
N ILE B 185 10.32 15.27 -2.06
CA ILE B 185 10.80 14.32 -1.06
C ILE B 185 11.51 13.15 -1.73
N THR B 186 11.04 12.73 -2.91
CA THR B 186 11.75 11.70 -3.67
C THR B 186 13.16 12.15 -4.04
N ASP B 187 13.28 13.39 -4.55
CA ASP B 187 14.60 13.94 -4.84
C ASP B 187 15.48 13.98 -3.60
N THR B 188 14.87 14.23 -2.43
CA THR B 188 15.63 14.25 -1.19
C THR B 188 16.12 12.86 -0.82
N LEU B 189 15.29 11.83 -1.06
CA LEU B 189 15.71 10.46 -0.78
C LEU B 189 16.87 10.05 -1.67
N ILE B 190 16.78 10.37 -2.97
CA ILE B 190 17.85 10.02 -3.90
C ILE B 190 19.13 10.78 -3.55
N HIS B 191 19.00 12.06 -3.20
CA HIS B 191 20.15 12.85 -2.78
C HIS B 191 20.87 12.21 -1.60
N LEU B 192 20.11 11.68 -0.64
CA LEU B 192 20.71 11.02 0.51
C LEU B 192 21.45 9.75 0.10
N MET B 193 20.89 8.99 -0.84
CA MET B 193 21.52 7.75 -1.27
C MET B 193 22.76 8.04 -2.12
N ALA B 194 22.70 9.07 -2.97
CA ALA B 194 23.86 9.42 -3.78
C ALA B 194 25.00 9.94 -2.92
N LYS B 195 24.68 10.71 -1.87
CA LYS B 195 25.70 11.23 -0.98
C LYS B 195 26.37 10.13 -0.15
N ALA B 196 25.69 9.01 0.06
CA ALA B 196 26.27 7.88 0.78
C ALA B 196 27.10 6.97 -0.11
N GLY B 197 27.18 7.26 -1.41
CA GLY B 197 28.00 6.50 -2.32
C GLY B 197 27.28 5.44 -3.13
N LEU B 198 25.95 5.39 -3.08
CA LEU B 198 25.21 4.36 -3.81
C LEU B 198 25.20 4.67 -5.30
N THR B 199 25.45 3.64 -6.11
CA THR B 199 25.37 3.80 -7.55
C THR B 199 23.94 4.14 -7.97
N LEU B 200 23.80 4.55 -9.24
CA LEU B 200 22.48 4.86 -9.77
C LEU B 200 21.53 3.67 -9.64
N GLN B 201 22.02 2.46 -9.94
CA GLN B 201 21.17 1.28 -9.82
C GLN B 201 20.80 1.02 -8.37
N GLN B 202 21.77 1.15 -7.45
CA GLN B 202 21.49 0.95 -6.03
C GLN B 202 20.55 2.03 -5.49
N GLN B 203 20.56 3.22 -6.09
CA GLN B 203 19.69 4.29 -5.63
C GLN B 203 18.23 3.98 -5.92
N HIS B 204 17.90 3.67 -7.18
CA HIS B 204 16.51 3.43 -7.53
C HIS B 204 16.02 2.09 -6.98
N GLN B 205 16.92 1.12 -6.81
CA GLN B 205 16.52 -0.14 -6.17
C GLN B 205 16.15 0.08 -4.71
N ARG B 206 16.96 0.86 -3.99
CA ARG B 206 16.66 1.13 -2.58
C ARG B 206 15.41 2.00 -2.44
N LEU B 207 15.23 2.97 -3.34
CA LEU B 207 14.01 3.78 -3.33
C LEU B 207 12.78 2.90 -3.47
N ALA B 208 12.81 1.96 -4.41
CA ALA B 208 11.67 1.07 -4.61
C ALA B 208 11.43 0.20 -3.38
N GLN B 209 12.50 -0.37 -2.81
CA GLN B 209 12.37 -1.21 -1.63
C GLN B 209 11.68 -0.47 -0.49
N LEU B 210 12.06 0.78 -0.26
CA LEU B 210 11.48 1.54 0.84
C LEU B 210 10.01 1.86 0.58
N LEU B 211 9.66 2.20 -0.66
CA LEU B 211 8.29 2.57 -0.97
C LEU B 211 7.36 1.37 -0.95
N LEU B 212 7.85 0.19 -1.34
CA LEU B 212 7.02 -1.01 -1.28
C LEU B 212 6.69 -1.39 0.15
N ILE B 213 7.59 -1.08 1.10
CA ILE B 213 7.30 -1.31 2.52
C ILE B 213 6.11 -0.47 2.96
N LEU B 214 5.92 0.71 2.36
CA LEU B 214 4.78 1.55 2.72
C LEU B 214 3.45 0.86 2.42
N SER B 215 3.42 -0.03 1.42
CA SER B 215 2.19 -0.77 1.14
C SER B 215 1.87 -1.74 2.28
N HIS B 216 2.90 -2.33 2.90
CA HIS B 216 2.67 -3.20 4.05
C HIS B 216 2.25 -2.39 5.27
N ILE B 217 2.82 -1.19 5.43
CA ILE B 217 2.40 -0.31 6.51
C ILE B 217 0.95 0.11 6.34
N ARG B 218 0.54 0.33 5.08
CA ARG B 218 -0.88 0.56 4.82
C ARG B 218 -1.71 -0.64 5.21
N HIS B 219 -1.25 -1.84 4.87
CA HIS B 219 -1.98 -3.06 5.20
C HIS B 219 -2.11 -3.23 6.70
N MET B 220 -1.03 -2.98 7.45
CA MET B 220 -1.08 -3.11 8.90
C MET B 220 -2.05 -2.10 9.52
N SER B 221 -2.09 -0.88 8.99
CA SER B 221 -3.01 0.13 9.50
C SER B 221 -4.46 -0.29 9.29
N ASN B 222 -4.79 -0.77 8.10
CA ASN B 222 -6.17 -1.16 7.80
C ASN B 222 -6.64 -2.29 8.71
N LYS B 223 -5.78 -3.31 8.90
CA LYS B 223 -6.13 -4.38 9.81
C LYS B 223 -6.23 -3.89 11.25
N GLY B 224 -5.37 -2.95 11.63
CA GLY B 224 -5.44 -2.39 12.97
C GLY B 224 -6.69 -1.56 13.21
N MET B 225 -7.08 -0.77 12.21
CA MET B 225 -8.29 0.04 12.34
C MET B 225 -9.52 -0.86 12.50
N GLU B 226 -9.64 -1.87 11.64
CA GLU B 226 -10.79 -2.77 11.69
C GLU B 226 -10.98 -3.37 13.07
N HIS B 227 -9.89 -3.68 13.76
CA HIS B 227 -9.99 -4.20 15.11
C HIS B 227 -10.29 -3.13 16.14
N LEU B 228 -9.96 -1.87 15.84
CA LEU B 228 -10.14 -0.81 16.83
C LEU B 228 -11.59 -0.37 16.94
N TYR B 229 -12.31 -0.27 15.82
CA TYR B 229 -13.74 0.01 15.89
C TYR B 229 -14.57 -1.26 16.04
N SER B 230 -13.94 -2.38 16.39
CA SER B 230 -14.64 -3.59 16.80
C SER B 230 -14.72 -3.73 18.31
N MET B 231 -13.76 -3.17 19.04
CA MET B 231 -13.76 -3.21 20.50
C MET B 231 -14.65 -2.10 21.08
N SER B 240 -10.72 7.34 24.48
CA SER B 240 -10.23 8.70 24.31
C SER B 240 -11.17 9.51 23.43
N ASP B 241 -11.23 10.82 23.68
CA ASP B 241 -12.11 11.68 22.91
C ASP B 241 -11.56 11.95 21.51
N LEU B 242 -10.26 12.19 21.43
CA LEU B 242 -9.56 12.29 20.14
C LEU B 242 -9.46 11.04 19.29
N LEU B 243 -9.22 9.90 19.90
CA LEU B 243 -9.15 8.70 19.15
C LEU B 243 -10.47 8.46 18.49
N LEU B 244 -11.56 8.71 19.22
CA LEU B 244 -12.84 8.18 18.81
C LEU B 244 -13.14 8.79 17.49
N GLU B 245 -12.78 10.05 17.36
CA GLU B 245 -13.05 10.77 16.11
C GLU B 245 -12.07 10.37 15.01
N MET B 246 -10.81 10.11 15.37
CA MET B 246 -9.88 9.54 14.40
C MET B 246 -10.30 8.13 14.01
N LEU B 247 -10.81 7.36 14.98
CA LEU B 247 -11.32 6.03 14.70
C LEU B 247 -12.64 6.08 13.92
N ASP B 248 -13.46 7.10 14.17
CA ASP B 248 -14.75 7.21 13.49
C ASP B 248 -14.60 7.57 12.02
N ALA B 249 -13.49 8.22 11.64
CA ALA B 249 -13.29 8.59 10.24
C ALA B 249 -13.16 7.37 9.33
N HIS B 250 -12.81 6.21 9.89
CA HIS B 250 -12.70 4.97 9.12
C HIS B 250 -13.93 4.09 9.27
N ARG B 251 -15.09 4.69 9.53
CA ARG B 251 -16.33 3.94 9.67
C ARG B 251 -17.54 4.79 9.32
N LYS C 3 -7.46 -27.62 -1.09
CA LYS C 3 -7.70 -26.24 -1.51
C LYS C 3 -7.77 -26.12 -3.02
N ILE C 4 -8.71 -25.31 -3.50
CA ILE C 4 -8.87 -25.13 -4.94
C ILE C 4 -7.66 -24.41 -5.53
N LEU C 5 -7.21 -23.35 -4.86
CA LEU C 5 -6.02 -22.64 -5.32
C LEU C 5 -4.79 -23.54 -5.33
N HIS C 6 -4.70 -24.45 -4.34
CA HIS C 6 -3.59 -25.38 -4.29
C HIS C 6 -3.59 -26.31 -5.50
N ARG C 7 -4.77 -26.78 -5.92
CA ARG C 7 -4.85 -27.72 -7.03
C ARG C 7 -4.58 -27.04 -8.36
N LEU C 8 -5.15 -25.85 -8.57
CA LEU C 8 -4.98 -25.16 -9.84
C LEU C 8 -3.53 -24.75 -10.07
N LEU C 9 -2.78 -24.49 -9.00
CA LEU C 9 -1.37 -24.19 -9.14
C LEU C 9 -0.52 -25.41 -9.45
N GLN C 10 -1.06 -26.61 -9.22
CA GLN C 10 -0.34 -27.85 -9.52
C GLN C 10 -0.59 -28.34 -10.94
N ASP C 11 -1.81 -28.16 -11.45
CA ASP C 11 -2.15 -28.63 -12.79
C ASP C 11 -1.35 -27.88 -13.86
N LYS D 3 -14.93 19.59 15.14
CA LYS D 3 -14.09 18.42 15.42
C LYS D 3 -12.89 18.81 16.28
N ILE D 4 -12.43 17.87 17.10
CA ILE D 4 -11.26 18.12 17.93
C ILE D 4 -10.03 18.34 17.07
N LEU D 5 -9.93 17.62 15.95
CA LEU D 5 -8.82 17.80 15.03
C LEU D 5 -8.86 19.18 14.37
N HIS D 6 -10.05 19.75 14.22
CA HIS D 6 -10.16 21.11 13.70
C HIS D 6 -9.50 22.11 14.64
N ARG D 7 -9.83 22.04 15.93
CA ARG D 7 -9.29 23.01 16.88
C ARG D 7 -7.79 22.83 17.08
N LEU D 8 -7.31 21.58 17.11
CA LEU D 8 -5.90 21.34 17.35
C LEU D 8 -5.03 21.81 16.17
N LEU D 9 -5.58 21.80 14.96
CA LEU D 9 -4.85 22.28 13.80
C LEU D 9 -4.85 23.79 13.66
N GLN D 10 -5.70 24.48 14.42
CA GLN D 10 -5.72 25.95 14.38
C GLN D 10 -4.49 26.54 15.08
C01 7E3 E . -29.28 -6.83 -17.10
C02 7E3 E . -29.73 -7.42 -15.76
C03 7E3 E . -29.80 -6.31 -14.71
C09 7E3 E . -26.10 -3.89 -13.65
C10 7E3 E . -26.58 -2.75 -13.11
C11 7E3 E . -26.52 -1.58 -13.77
C12 7E3 E . -25.96 -1.51 -14.97
C13 7E3 E . -25.46 -2.63 -15.53
C14 7E3 E . -25.53 -3.79 -14.87
C15 7E3 E . -28.31 -5.93 -14.62
C16 7E3 E . -27.95 -6.61 -16.93
C17 7E3 E . -27.70 -7.04 -15.49
C18 7E3 E . -30.19 -6.41 -18.03
C19 7E3 E . -27.06 -5.84 -17.59
C20 7E3 E . -31.48 -6.24 -17.69
C21 7E3 E . -32.41 -5.83 -18.58
C22 7E3 E . -32.08 -5.56 -19.86
C23 7E3 E . -30.80 -5.74 -20.19
C24 7E3 E . -29.88 -6.15 -19.31
C25 7E3 E . -25.88 -6.33 -18.00
C26 7E3 E . -24.97 -5.57 -18.66
C27 7E3 E . -25.19 -4.28 -18.95
C28 7E3 E . -26.37 -3.79 -18.53
C29 7E3 E . -27.27 -4.53 -17.87
O01 7E3 E . -33.01 -5.15 -20.75
O02 7E3 E . -24.23 -3.57 -19.62
O05 7E3 E . -26.15 -5.08 -12.98
O06 7E3 E . -27.06 -7.14 -12.53
O07 7E3 E . -28.32 -5.00 -12.01
O08 7E3 E . -28.59 -8.13 -15.34
S01 7E3 E . -27.65 -5.88 -12.97
CL1 7E3 E . -27.16 -0.17 -13.02
C01 7E3 F . -34.02 0.42 -14.56
C02 7E3 F . -35.19 -0.10 -15.37
C03 7E3 F . -34.73 -1.17 -16.37
C09 7E3 F . -31.65 -0.49 -19.70
C10 7E3 F . -30.64 -1.28 -20.07
C11 7E3 F . -29.38 -1.02 -19.77
C12 7E3 F . -29.03 0.05 -19.08
C13 7E3 F . -30.02 0.86 -18.71
C14 7E3 F . -31.30 0.60 -19.00
C15 7E3 F . -33.83 -0.36 -17.32
C16 7E3 F . -33.30 1.12 -15.46
C17 7E3 F . -34.12 1.04 -16.74
C18 7E3 F . -33.88 0.32 -13.23
C19 7E3 F . -32.03 1.49 -15.46
C20 7E3 F . -34.77 -0.30 -12.44
C21 7E3 F . -34.62 -0.40 -11.12
C22 7E3 F . -33.56 0.11 -10.51
C23 7E3 F . -32.67 0.72 -11.27
C24 7E3 F . -32.81 0.81 -12.60
C25 7E3 F . -31.54 2.30 -16.39
C26 7E3 F . -30.27 2.67 -16.39
C27 7E3 F . -29.40 2.26 -15.46
C28 7E3 F . -29.91 1.47 -14.53
C29 7E3 F . -31.17 1.08 -14.53
O01 7E3 F . -33.37 0.02 -9.17
O02 7E3 F . -28.11 2.69 -15.53
O05 7E3 F . -32.93 -0.82 -20.03
O06 7E3 F . -34.49 0.67 -19.71
O07 7E3 F . -34.92 -1.75 -19.40
O08 7E3 F . -35.42 0.96 -16.23
S01 7E3 F . -34.22 -0.55 -19.02
CL1 7E3 F . -28.20 -2.13 -20.31
C01 7E3 G . -15.08 -5.85 -8.20
C02 7E3 G . -15.07 -4.37 -7.81
C03 7E3 G . -14.12 -4.17 -6.62
C04 7E3 G . -17.25 -11.88 -4.45
C09 7E3 G . -17.08 -4.92 -2.52
C10 7E3 G . -17.68 -4.04 -1.68
C11 7E3 G . -18.99 -4.13 -1.41
C12 7E3 G . -19.74 -5.09 -1.95
C13 7E3 G . -19.16 -5.98 -2.77
C14 7E3 G . -17.85 -5.89 -3.04
C15 7E3 G . -14.93 -4.90 -5.52
C16 7E3 G . -15.79 -6.44 -7.21
C17 7E3 G . -16.20 -5.28 -6.31
C18 7E3 G . -14.35 -6.32 -9.23
C19 7E3 G . -15.89 -7.73 -6.80
C20 7E3 G . -13.20 -5.70 -9.60
C21 7E3 G . -12.45 -6.14 -10.62
C22 7E3 G . -12.82 -7.20 -11.34
C23 7E3 G . -13.96 -7.82 -10.99
C24 7E3 G . -14.71 -7.38 -9.97
C25 7E3 G . -17.06 -8.24 -6.40
C26 7E3 G . -17.19 -9.52 -5.99
C27 7E3 G . -16.13 -10.36 -5.93
C28 7E3 G . -14.95 -9.85 -6.32
C29 7E3 G . -14.84 -8.57 -6.73
O01 7E3 G . -12.07 -7.65 -12.38
O02 7E3 G . -16.34 -11.65 -5.49
O05 7E3 G . -15.74 -4.84 -2.80
O06 7E3 G . -16.52 -3.14 -4.21
O07 7E3 G . -14.10 -3.31 -3.45
O08 7E3 G . -16.32 -4.21 -7.22
S01 7E3 G . -15.27 -3.89 -4.09
CL1 7E3 G . -19.72 -2.96 -0.35
C01 7E3 H . -0.54 0.55 18.71
C02 7E3 H . -0.09 -0.78 18.14
C03 7E3 H . -0.72 -1.02 16.79
C04 7E3 H . -7.26 2.92 20.77
C05 7E3 H . -8.39 3.86 20.38
C06 7E3 H . -9.70 3.17 20.66
C07 7E3 H . -10.04 3.17 22.14
C08 7E3 H . -11.53 3.36 22.32
C09 7E3 H . -4.88 -3.62 17.94
C10 7E3 H . -5.96 -4.33 17.69
C11 7E3 H . -6.37 -5.29 18.49
C12 7E3 H . -5.70 -5.59 19.57
C13 7E3 H . -4.58 -4.92 19.87
C14 7E3 H . -4.19 -3.95 19.04
C15 7E3 H . -2.20 -1.19 17.19
C16 7E3 H . -1.83 0.34 19.04
C17 7E3 H . -2.05 -1.12 18.70
C18 7E3 H . 0.30 1.59 18.79
C19 7E3 H . -2.86 1.12 19.33
C20 7E3 H . 0.18 2.55 19.70
C21 7E3 H . 1.02 3.56 19.78
C22 7E3 H . 2.04 3.64 18.94
C23 7E3 H . 2.17 2.70 18.04
C24 7E3 H . 1.33 1.69 17.97
C25 7E3 H . -3.80 0.72 20.17
C26 7E3 H . -4.84 1.48 20.45
C27 7E3 H . -5.02 2.69 19.92
C28 7E3 H . -4.08 3.09 19.08
C29 7E3 H . -3.06 2.32 18.80
O01 7E3 H . 2.90 4.64 18.99
O02 7E3 H . -6.08 3.44 20.24
O03 7E3 H . -11.78 4.58 22.84
O04 7E3 H . -12.40 2.58 22.03
O05 7E3 H . -4.50 -2.66 17.09
O06 7E3 H . -3.27 -2.61 15.31
O07 7E3 H . -2.36 -3.92 17.07
O08 7E3 H . -0.80 -1.70 18.88
S01 7E3 H . -2.92 -2.69 16.65
CL1 7E3 H . -7.81 -6.09 18.07
#